data_6OMN
#
_entry.id   6OMN
#
_cell.length_a   62.743
_cell.length_b   62.743
_cell.length_c   126.350
_cell.angle_alpha   90.00
_cell.angle_beta   90.00
_cell.angle_gamma   120.00
#
_symmetry.space_group_name_H-M   'P 31'
#
loop_
_entity.id
_entity.type
_entity.pdbx_description
1 polymer 'Bone morphogenetic protein 2'
2 branched alpha-D-mannopyranose-(1-2)-alpha-D-mannopyranose-(1-3)-beta-D-mannopyranose-(1-4)-2-acetamido-2-deoxy-beta-D-glucopyranose-(1-4)-2-acetamido-2-deoxy-beta-D-glucopyranose
3 water water
#
_entity_poly.entity_id   1
_entity_poly.type   'polypeptide(L)'
_entity_poly.pdbx_seq_one_letter_code
;RKRLKSSCKRHPLYVDFSDVGWNDWIVAPPGYHAFYCHGECPFPLADHLNSTNHAIVQTLVNSVNSKIPKACCVPTELSA
ISMLYLDENEKVVLKNYQDMVVEGCGCR
;
_entity_poly.pdbx_strand_id   E,F,G,H
#
# COMPACT_ATOMS: atom_id res chain seq x y z
N SER A 6 -1.19 19.47 -22.39
CA SER A 6 -1.12 20.65 -21.52
C SER A 6 -0.77 20.31 -20.05
N SER A 7 -1.55 19.39 -19.43
CA SER A 7 -1.44 19.01 -18.03
C SER A 7 -0.41 17.90 -17.70
N CYS A 8 -0.27 17.58 -16.39
CA CYS A 8 0.59 16.56 -15.80
C CYS A 8 0.52 15.32 -16.69
N LYS A 9 1.69 14.89 -17.16
CA LYS A 9 1.89 13.65 -17.89
C LYS A 9 3.36 13.28 -17.84
N ARG A 10 3.63 12.04 -18.26
CA ARG A 10 4.98 11.49 -18.33
C ARG A 10 5.52 11.82 -19.67
N HIS A 11 6.76 12.31 -19.69
CA HIS A 11 7.52 12.68 -20.86
C HIS A 11 8.79 11.80 -20.92
N PRO A 12 9.30 11.39 -22.12
CA PRO A 12 10.56 10.61 -22.15
C PRO A 12 11.88 11.35 -21.84
N LEU A 13 12.81 10.69 -21.14
CA LEU A 13 14.06 11.28 -20.64
C LEU A 13 15.01 10.12 -20.70
N TYR A 14 15.90 10.09 -21.71
CA TYR A 14 16.94 9.08 -21.72
C TYR A 14 18.09 9.63 -20.88
N VAL A 15 18.57 8.88 -19.88
CA VAL A 15 19.68 9.38 -19.06
C VAL A 15 20.96 8.66 -19.42
N ASP A 16 21.89 9.37 -20.10
CA ASP A 16 23.20 8.91 -20.54
C ASP A 16 24.20 9.17 -19.39
N PHE A 17 24.93 8.13 -18.93
CA PHE A 17 25.85 8.26 -17.81
C PHE A 17 27.10 9.06 -18.07
N SER A 18 27.68 8.99 -19.30
CA SER A 18 28.86 9.75 -19.73
C SER A 18 28.61 11.26 -19.68
N ASP A 19 27.33 11.68 -19.94
CA ASP A 19 26.88 13.09 -19.91
C ASP A 19 26.59 13.52 -18.47
N VAL A 20 26.35 12.56 -17.60
CA VAL A 20 26.00 12.77 -16.21
C VAL A 20 27.24 12.63 -15.28
N GLY A 21 28.27 11.94 -15.78
CA GLY A 21 29.54 11.68 -15.11
C GLY A 21 29.60 10.40 -14.31
N TRP A 22 28.68 9.44 -14.57
CA TRP A 22 28.60 8.16 -13.85
C TRP A 22 29.26 7.00 -14.60
N ASN A 23 29.89 7.35 -15.72
CA ASN A 23 30.64 6.56 -16.69
C ASN A 23 31.77 5.72 -16.01
N ASP A 24 32.44 6.31 -14.99
CA ASP A 24 33.56 5.73 -14.22
C ASP A 24 33.13 4.53 -13.38
N TRP A 25 32.04 4.69 -12.60
CA TRP A 25 31.55 3.64 -11.73
C TRP A 25 30.50 2.70 -12.36
N ILE A 26 29.70 3.20 -13.30
CA ILE A 26 28.67 2.36 -13.95
C ILE A 26 29.18 1.73 -15.23
N VAL A 27 29.30 0.44 -15.20
CA VAL A 27 29.78 -0.34 -16.32
C VAL A 27 28.67 -0.49 -17.39
N ALA A 28 27.47 -1.00 -17.01
CA ALA A 28 26.37 -1.22 -17.94
C ALA A 28 25.00 -1.04 -17.26
N PRO A 29 23.93 -0.52 -17.92
CA PRO A 29 23.82 -0.12 -19.35
C PRO A 29 24.53 1.22 -19.65
N PRO A 30 24.63 1.69 -20.91
CA PRO A 30 25.30 2.99 -21.13
C PRO A 30 24.45 4.19 -20.66
N GLY A 31 23.21 3.87 -20.33
CA GLY A 31 22.20 4.79 -19.85
C GLY A 31 20.87 4.07 -19.81
N TYR A 32 19.79 4.79 -19.46
CA TYR A 32 18.46 4.21 -19.42
C TYR A 32 17.33 5.22 -19.65
N HIS A 33 16.17 4.70 -20.06
CA HIS A 33 14.97 5.50 -20.24
C HIS A 33 14.32 5.68 -18.88
N ALA A 34 14.72 6.75 -18.21
CA ALA A 34 14.16 7.27 -16.96
C ALA A 34 13.05 8.13 -17.49
N PHE A 35 11.92 8.23 -16.87
CA PHE A 35 11.14 9.22 -17.65
C PHE A 35 10.84 10.30 -16.61
N TYR A 36 10.17 11.38 -16.97
CA TYR A 36 10.01 12.56 -16.11
C TYR A 36 8.61 13.08 -16.22
N CYS A 37 8.15 13.74 -15.17
CA CYS A 37 6.80 14.29 -15.12
C CYS A 37 6.81 15.80 -15.37
N HIS A 38 5.91 16.28 -16.23
CA HIS A 38 5.80 17.68 -16.60
C HIS A 38 4.38 18.00 -17.02
N GLY A 39 3.89 19.15 -16.56
CA GLY A 39 2.56 19.62 -16.86
C GLY A 39 1.86 20.34 -15.73
N GLU A 40 0.80 21.06 -16.10
CA GLU A 40 0.00 21.85 -15.19
C GLU A 40 -0.90 20.94 -14.31
N CYS A 41 -1.26 21.44 -13.12
CA CYS A 41 -2.20 20.77 -12.23
C CYS A 41 -3.28 21.83 -12.14
N PRO A 42 -4.25 21.76 -13.10
CA PRO A 42 -5.25 22.83 -13.23
C PRO A 42 -6.18 22.95 -12.04
N PHE A 43 -6.90 24.09 -11.98
CA PHE A 43 -7.86 24.40 -10.92
C PHE A 43 -9.27 24.62 -11.52
N PRO A 44 -10.32 23.88 -11.08
CA PRO A 44 -10.30 22.78 -10.10
C PRO A 44 -9.78 21.48 -10.72
N LEU A 45 -9.10 20.66 -9.89
CA LEU A 45 -8.53 19.39 -10.33
C LEU A 45 -9.57 18.39 -10.83
N ALA A 46 -9.51 18.12 -12.15
CA ALA A 46 -10.38 17.19 -12.85
C ALA A 46 -9.90 15.73 -12.66
N ASP A 47 -10.70 14.77 -13.15
CA ASP A 47 -10.42 13.34 -13.07
C ASP A 47 -9.22 12.92 -13.96
N HIS A 48 -8.77 11.66 -13.82
CA HIS A 48 -7.67 11.05 -14.58
C HIS A 48 -6.27 11.63 -14.30
N LEU A 49 -6.09 12.42 -13.21
CA LEU A 49 -4.76 12.97 -12.91
C LEU A 49 -3.98 12.33 -11.76
N ASN A 50 -4.36 11.11 -11.31
CA ASN A 50 -3.69 10.39 -10.21
C ASN A 50 -3.38 11.28 -8.96
N SER A 51 -4.30 12.17 -8.62
CA SER A 51 -4.14 13.08 -7.49
C SER A 51 -4.57 12.50 -6.14
N THR A 52 -4.27 13.22 -5.06
CA THR A 52 -4.69 12.89 -3.70
C THR A 52 -5.73 13.94 -3.32
N ASN A 53 -6.48 13.70 -2.26
CA ASN A 53 -7.48 14.66 -1.78
C ASN A 53 -6.70 15.89 -1.30
N HIS A 54 -5.51 15.69 -0.70
CA HIS A 54 -4.68 16.77 -0.23
C HIS A 54 -4.33 17.71 -1.34
N ALA A 55 -3.96 17.17 -2.52
CA ALA A 55 -3.62 17.96 -3.71
C ALA A 55 -4.81 18.81 -4.16
N ILE A 56 -6.07 18.27 -4.09
CA ILE A 56 -7.30 19.01 -4.42
C ILE A 56 -7.46 20.17 -3.40
N VAL A 57 -7.23 19.89 -2.11
CA VAL A 57 -7.32 20.89 -1.04
C VAL A 57 -6.28 22.01 -1.25
N GLN A 58 -4.99 21.68 -1.44
CA GLN A 58 -3.93 22.67 -1.70
C GLN A 58 -4.24 23.58 -2.90
N THR A 59 -4.67 22.96 -4.03
CA THR A 59 -5.04 23.61 -5.30
C THR A 59 -6.07 24.69 -5.14
N LEU A 60 -7.12 24.41 -4.35
CA LEU A 60 -8.26 25.26 -4.00
C LEU A 60 -7.87 26.38 -3.01
N VAL A 61 -6.96 26.11 -2.06
CA VAL A 61 -6.43 27.10 -1.12
C VAL A 61 -5.50 28.07 -1.91
N ASN A 62 -4.78 27.54 -2.93
CA ASN A 62 -3.89 28.34 -3.79
C ASN A 62 -4.67 29.44 -4.57
N SER A 63 -5.87 29.09 -5.07
CA SER A 63 -6.77 30.00 -5.79
C SER A 63 -7.33 31.14 -4.90
N VAL A 64 -7.19 31.01 -3.58
CA VAL A 64 -7.70 31.96 -2.58
C VAL A 64 -6.51 32.61 -1.84
N ASN A 65 -5.35 31.93 -1.80
CA ASN A 65 -4.11 32.38 -1.15
C ASN A 65 -2.89 31.93 -1.98
N SER A 66 -2.28 32.88 -2.69
CA SER A 66 -1.14 32.60 -3.55
C SER A 66 0.15 32.17 -2.82
N LYS A 67 0.31 32.56 -1.52
CA LYS A 67 1.46 32.17 -0.68
C LYS A 67 1.56 30.64 -0.59
N ILE A 68 0.41 29.95 -0.73
CA ILE A 68 0.31 28.50 -0.72
C ILE A 68 0.41 28.01 -2.16
N PRO A 69 1.43 27.19 -2.47
CA PRO A 69 1.63 26.78 -3.87
C PRO A 69 0.63 25.76 -4.37
N LYS A 70 0.55 25.62 -5.71
CA LYS A 70 -0.25 24.60 -6.38
C LYS A 70 0.43 23.23 -6.13
N ALA A 71 -0.28 22.14 -6.47
CA ALA A 71 0.22 20.78 -6.37
C ALA A 71 1.26 20.57 -7.48
N CYS A 72 2.29 19.78 -7.19
CA CYS A 72 3.37 19.48 -8.12
C CYS A 72 3.00 18.28 -8.94
N CYS A 73 3.58 18.16 -10.14
CA CYS A 73 3.40 16.97 -10.97
C CYS A 73 4.62 16.15 -10.71
N VAL A 74 4.44 15.02 -10.03
CA VAL A 74 5.53 14.12 -9.63
C VAL A 74 5.22 12.65 -9.99
N PRO A 75 6.24 11.75 -10.02
CA PRO A 75 5.99 10.32 -10.30
C PRO A 75 5.19 9.69 -9.19
N THR A 76 4.21 8.84 -9.54
CA THR A 76 3.34 8.16 -8.59
C THR A 76 3.54 6.65 -8.62
N GLU A 77 4.16 6.14 -9.69
CA GLU A 77 4.47 4.72 -9.86
C GLU A 77 5.88 4.64 -10.43
N LEU A 78 6.73 3.79 -9.82
CA LEU A 78 8.11 3.66 -10.25
C LEU A 78 8.58 2.22 -10.37
N SER A 79 9.30 1.89 -11.43
CA SER A 79 9.88 0.55 -11.60
C SER A 79 11.40 0.56 -11.47
N ALA A 80 11.97 -0.62 -11.23
CA ALA A 80 13.40 -0.85 -11.02
C ALA A 80 14.16 -1.15 -12.31
N ILE A 81 15.49 -0.97 -12.24
CA ILE A 81 16.45 -1.37 -13.28
C ILE A 81 17.67 -2.03 -12.62
N SER A 82 18.33 -2.94 -13.37
CA SER A 82 19.52 -3.60 -12.89
C SER A 82 20.74 -2.95 -13.55
N MET A 83 21.80 -2.85 -12.77
CA MET A 83 23.02 -2.25 -13.23
C MET A 83 24.23 -3.05 -12.87
N LEU A 84 25.29 -2.81 -13.63
CA LEU A 84 26.61 -3.35 -13.44
C LEU A 84 27.42 -2.17 -13.01
N TYR A 85 28.07 -2.26 -11.87
CA TYR A 85 28.94 -1.19 -11.40
C TYR A 85 30.27 -1.78 -11.00
N LEU A 86 31.30 -0.91 -10.91
CA LEU A 86 32.65 -1.26 -10.49
C LEU A 86 32.84 -0.80 -9.05
N ASP A 87 33.05 -1.75 -8.12
CA ASP A 87 33.23 -1.43 -6.70
C ASP A 87 34.67 -1.04 -6.32
N GLU A 88 34.89 -0.70 -5.03
CA GLU A 88 36.19 -0.31 -4.45
C GLU A 88 37.31 -1.30 -4.78
N ASN A 89 36.97 -2.59 -4.84
CA ASN A 89 37.91 -3.66 -5.14
C ASN A 89 38.12 -3.95 -6.63
N GLU A 90 37.56 -3.10 -7.53
CA GLU A 90 37.68 -3.22 -9.01
C GLU A 90 36.92 -4.45 -9.60
N LYS A 91 35.96 -5.02 -8.85
CA LYS A 91 35.15 -6.16 -9.29
C LYS A 91 33.85 -5.61 -9.86
N VAL A 92 33.43 -6.09 -11.07
CA VAL A 92 32.15 -5.66 -11.67
C VAL A 92 30.94 -6.41 -11.05
N VAL A 93 30.10 -5.67 -10.29
CA VAL A 93 28.96 -6.19 -9.52
C VAL A 93 27.56 -5.96 -10.11
N LEU A 94 26.69 -6.99 -10.09
CA LEU A 94 25.32 -6.88 -10.56
C LEU A 94 24.44 -6.45 -9.38
N LYS A 95 23.77 -5.32 -9.51
CA LYS A 95 22.89 -4.79 -8.47
C LYS A 95 21.54 -4.31 -9.05
N ASN A 96 20.50 -4.31 -8.23
CA ASN A 96 19.16 -3.83 -8.55
C ASN A 96 19.00 -2.50 -7.88
N TYR A 97 18.49 -1.52 -8.64
CA TYR A 97 18.22 -0.15 -8.21
C TYR A 97 16.72 0.08 -8.33
N GLN A 98 16.07 0.16 -7.18
CA GLN A 98 14.65 0.37 -7.05
C GLN A 98 14.30 1.80 -7.36
N ASP A 99 13.07 2.02 -7.87
CA ASP A 99 12.47 3.33 -8.12
C ASP A 99 13.30 4.21 -9.06
N MET A 100 13.68 3.63 -10.21
CA MET A 100 14.50 4.31 -11.22
C MET A 100 13.71 4.87 -12.45
N VAL A 101 12.66 4.17 -12.87
CA VAL A 101 11.85 4.47 -14.04
C VAL A 101 10.41 4.88 -13.64
N VAL A 102 9.94 6.01 -14.20
CA VAL A 102 8.60 6.51 -13.95
C VAL A 102 7.64 5.71 -14.81
N GLU A 103 6.58 5.18 -14.17
CA GLU A 103 5.53 4.44 -14.84
C GLU A 103 4.24 5.28 -14.91
N GLY A 104 4.04 6.15 -13.91
CA GLY A 104 2.88 7.05 -13.85
C GLY A 104 3.09 8.34 -13.06
N CYS A 105 2.51 9.44 -13.55
CA CYS A 105 2.57 10.77 -12.95
C CYS A 105 1.23 11.17 -12.38
N GLY A 106 1.26 12.08 -11.41
CA GLY A 106 0.06 12.62 -10.78
C GLY A 106 0.31 13.88 -9.98
N CYS A 107 -0.76 14.62 -9.68
CA CYS A 107 -0.66 15.86 -8.91
C CYS A 107 -0.65 15.60 -7.41
N ARG A 108 0.47 15.97 -6.76
CA ARG A 108 0.66 15.75 -5.32
C ARG A 108 1.01 17.02 -4.52
N ARG B 3 11.44 35.58 1.61
CA ARG B 3 11.20 34.46 0.70
C ARG B 3 12.44 33.52 0.60
N LEU B 4 13.48 33.76 1.44
CA LEU B 4 14.75 33.01 1.49
C LEU B 4 14.63 31.52 1.32
N LYS B 5 15.51 30.95 0.47
CA LYS B 5 15.57 29.51 0.17
C LYS B 5 15.86 28.69 1.42
N SER B 6 15.12 27.58 1.55
CA SER B 6 15.25 26.58 2.62
C SER B 6 14.98 25.19 2.03
N SER B 7 15.47 24.13 2.71
CA SER B 7 15.29 22.76 2.20
C SER B 7 13.87 22.25 2.43
N CYS B 8 13.49 21.25 1.65
CA CYS B 8 12.17 20.64 1.70
C CYS B 8 11.74 20.16 3.08
N LYS B 9 10.62 20.69 3.59
CA LYS B 9 10.02 20.31 4.88
C LYS B 9 8.50 20.63 4.92
N ARG B 10 7.86 20.32 6.05
CA ARG B 10 6.44 20.52 6.32
C ARG B 10 6.24 21.84 7.03
N HIS B 11 5.27 22.62 6.53
CA HIS B 11 4.87 23.94 7.00
C HIS B 11 3.43 23.86 7.46
N PRO B 12 3.00 24.63 8.50
CA PRO B 12 1.60 24.52 8.94
C PRO B 12 0.63 25.19 7.99
N LEU B 13 -0.60 24.65 7.93
CA LEU B 13 -1.69 25.18 7.12
C LEU B 13 -3.05 24.72 7.69
N TYR B 14 -3.82 25.68 8.24
CA TYR B 14 -5.14 25.36 8.74
C TYR B 14 -6.06 25.75 7.59
N VAL B 15 -6.91 24.82 7.17
CA VAL B 15 -7.82 25.06 6.07
C VAL B 15 -9.22 25.18 6.66
N ASP B 16 -9.81 26.38 6.58
CA ASP B 16 -11.17 26.61 7.02
C ASP B 16 -12.04 26.42 5.78
N PHE B 17 -13.02 25.49 5.84
CA PHE B 17 -13.86 25.17 4.68
C PHE B 17 -14.74 26.29 4.17
N SER B 18 -15.04 27.28 5.03
CA SER B 18 -15.87 28.42 4.66
C SER B 18 -15.13 29.35 3.71
N ASP B 19 -13.80 29.41 3.85
CA ASP B 19 -12.88 30.22 3.02
C ASP B 19 -12.79 29.64 1.62
N VAL B 20 -13.02 28.32 1.49
CA VAL B 20 -12.95 27.59 0.23
C VAL B 20 -14.35 27.29 -0.37
N GLY B 21 -15.39 27.70 0.34
CA GLY B 21 -16.77 27.46 -0.07
C GLY B 21 -17.22 26.00 -0.02
N TRP B 22 -16.57 25.17 0.84
CA TRP B 22 -16.91 23.77 1.01
C TRP B 22 -17.87 23.53 2.14
N ASN B 23 -17.99 24.51 3.04
CA ASN B 23 -18.89 24.47 4.20
C ASN B 23 -20.37 24.42 3.78
N ASP B 24 -20.65 24.42 2.47
CA ASP B 24 -21.99 24.30 1.89
C ASP B 24 -22.42 22.83 2.06
N TRP B 25 -21.45 21.88 1.96
CA TRP B 25 -21.64 20.43 1.85
C TRP B 25 -21.05 19.64 3.07
N ILE B 26 -19.93 20.14 3.63
CA ILE B 26 -19.29 19.58 4.82
C ILE B 26 -20.02 20.13 6.06
N VAL B 27 -20.58 19.25 6.90
CA VAL B 27 -21.27 19.67 8.12
C VAL B 27 -20.34 19.84 9.34
N ALA B 28 -19.28 19.03 9.38
CA ALA B 28 -18.23 19.00 10.40
C ALA B 28 -17.01 18.23 9.83
N PRO B 29 -15.76 18.70 10.08
CA PRO B 29 -15.38 19.84 10.93
C PRO B 29 -15.48 21.23 10.27
N PRO B 30 -15.34 22.35 11.02
CA PRO B 30 -15.31 23.68 10.37
C PRO B 30 -14.04 23.86 9.47
N GLY B 31 -12.96 23.25 9.91
CA GLY B 31 -11.71 23.26 9.19
C GLY B 31 -10.76 22.21 9.73
N TYR B 32 -9.56 22.12 9.15
CA TYR B 32 -8.58 21.13 9.61
C TYR B 32 -7.13 21.53 9.35
N HIS B 33 -6.21 20.92 10.12
CA HIS B 33 -4.78 21.14 9.95
C HIS B 33 -4.34 20.19 8.84
N ALA B 34 -4.21 20.74 7.64
CA ALA B 34 -3.75 20.08 6.42
C ALA B 34 -2.48 20.81 6.22
N PHE B 35 -1.35 20.21 6.50
CA PHE B 35 -0.16 20.98 6.33
C PHE B 35 0.32 20.87 4.87
N TYR B 36 1.37 21.53 4.44
CA TYR B 36 1.78 21.56 3.03
C TYR B 36 3.33 21.42 2.96
N CYS B 37 3.81 20.95 1.80
CA CYS B 37 5.24 20.77 1.57
C CYS B 37 5.81 21.91 0.79
N HIS B 38 6.99 22.37 1.21
CA HIS B 38 7.69 23.47 0.56
C HIS B 38 9.16 23.45 0.93
N GLY B 39 10.01 23.72 -0.06
CA GLY B 39 11.46 23.81 0.08
C GLY B 39 12.25 23.32 -1.11
N GLU B 40 13.52 23.71 -1.18
CA GLU B 40 14.43 23.28 -2.24
C GLU B 40 14.98 21.87 -1.95
N CYS B 41 15.20 21.12 -3.04
CA CYS B 41 15.69 19.75 -3.07
C CYS B 41 17.03 19.85 -3.73
N PRO B 42 18.08 20.11 -2.93
CA PRO B 42 19.38 20.44 -3.54
C PRO B 42 20.15 19.34 -4.23
N PHE B 43 21.20 19.70 -4.97
CA PHE B 43 22.06 18.74 -5.61
C PHE B 43 23.35 18.63 -4.80
N PRO B 44 23.79 17.41 -4.42
CA PRO B 44 23.11 16.11 -4.59
C PRO B 44 22.09 15.90 -3.49
N LEU B 45 20.91 15.34 -3.82
CA LEU B 45 19.94 15.17 -2.74
C LEU B 45 20.19 13.98 -1.86
N ALA B 46 20.00 14.23 -0.58
CA ALA B 46 20.16 13.33 0.53
C ALA B 46 19.15 12.20 0.57
N ASP B 47 19.46 11.22 1.44
CA ASP B 47 18.65 10.07 1.79
C ASP B 47 17.59 10.64 2.74
N HIS B 48 18.03 11.39 3.79
CA HIS B 48 17.16 12.03 4.78
C HIS B 48 16.08 12.95 4.25
N LEU B 49 16.07 13.24 2.94
CA LEU B 49 15.03 14.10 2.35
C LEU B 49 13.87 13.29 1.77
N ASN B 50 13.70 12.02 2.20
CA ASN B 50 12.66 11.08 1.76
C ASN B 50 12.52 11.02 0.24
N SER B 51 13.65 10.82 -0.46
CA SER B 51 13.65 10.79 -1.92
C SER B 51 13.70 9.38 -2.53
N THR B 52 13.64 9.31 -3.87
CA THR B 52 13.65 8.08 -4.65
C THR B 52 14.93 8.12 -5.47
N ASN B 53 15.33 6.97 -6.02
CA ASN B 53 16.50 6.96 -6.86
C ASN B 53 16.26 7.84 -8.06
N HIS B 54 15.03 7.79 -8.67
CA HIS B 54 14.63 8.65 -9.80
C HIS B 54 14.84 10.14 -9.49
N ALA B 55 14.42 10.59 -8.28
CA ALA B 55 14.61 11.98 -7.83
C ALA B 55 16.11 12.38 -7.68
N ILE B 56 16.98 11.42 -7.27
CA ILE B 56 18.42 11.60 -7.13
C ILE B 56 19.00 11.81 -8.54
N VAL B 57 18.51 11.00 -9.51
CA VAL B 57 18.89 11.00 -10.92
C VAL B 57 18.40 12.29 -11.61
N GLN B 58 17.14 12.69 -11.41
CA GLN B 58 16.61 13.91 -12.03
C GLN B 58 17.31 15.19 -11.57
N THR B 59 17.61 15.31 -10.24
CA THR B 59 18.32 16.45 -9.64
C THR B 59 19.72 16.51 -10.24
N LEU B 60 20.30 15.32 -10.54
CA LEU B 60 21.59 15.22 -11.18
C LEU B 60 21.52 15.69 -12.65
N VAL B 61 20.52 15.21 -13.43
CA VAL B 61 20.27 15.61 -14.82
C VAL B 61 20.08 17.17 -14.91
N ASN B 62 19.45 17.79 -13.90
CA ASN B 62 19.25 19.24 -13.82
C ASN B 62 20.55 20.02 -13.73
N SER B 63 21.56 19.51 -13.00
CA SER B 63 22.87 20.18 -12.84
C SER B 63 23.67 20.21 -14.15
N VAL B 64 23.18 19.49 -15.16
CA VAL B 64 23.80 19.32 -16.48
C VAL B 64 22.92 19.93 -17.55
N ASN B 65 21.59 20.00 -17.31
CA ASN B 65 20.58 20.55 -18.21
C ASN B 65 19.62 21.18 -17.22
N SER B 66 19.66 22.52 -17.09
CA SER B 66 18.71 23.31 -16.27
C SER B 66 17.24 23.26 -16.67
N LYS B 67 16.95 22.97 -17.96
CA LYS B 67 15.60 22.87 -18.53
C LYS B 67 14.78 21.69 -17.94
N ILE B 68 15.48 20.67 -17.41
CA ILE B 68 14.90 19.51 -16.72
C ILE B 68 14.77 20.00 -15.30
N PRO B 69 13.58 19.96 -14.66
CA PRO B 69 13.48 20.47 -13.30
C PRO B 69 14.14 19.55 -12.28
N LYS B 70 14.41 20.07 -11.06
CA LYS B 70 14.90 19.28 -9.93
C LYS B 70 13.63 18.56 -9.37
N ALA B 71 13.81 17.72 -8.34
CA ALA B 71 12.72 17.04 -7.65
C ALA B 71 11.87 18.05 -6.87
N CYS B 72 10.51 17.88 -6.89
CA CYS B 72 9.55 18.69 -6.16
C CYS B 72 9.54 18.23 -4.73
N CYS B 73 9.30 19.17 -3.83
CA CYS B 73 9.10 18.90 -2.42
C CYS B 73 7.61 18.52 -2.31
N VAL B 74 7.29 17.24 -2.03
CA VAL B 74 5.90 16.78 -2.00
C VAL B 74 5.46 15.98 -0.77
N PRO B 75 4.15 15.84 -0.45
CA PRO B 75 3.78 14.94 0.65
C PRO B 75 4.16 13.51 0.28
N THR B 76 4.95 12.83 1.14
CA THR B 76 5.37 11.43 0.95
C THR B 76 4.55 10.51 1.85
N GLU B 77 4.04 11.04 2.98
CA GLU B 77 3.19 10.31 3.92
C GLU B 77 1.95 11.12 4.29
N LEU B 78 0.78 10.52 4.05
CA LEU B 78 -0.52 11.17 4.34
C LEU B 78 -1.41 10.36 5.30
N SER B 79 -2.20 11.09 6.08
CA SER B 79 -3.14 10.51 7.02
C SER B 79 -4.57 10.94 6.70
N ALA B 80 -5.53 10.15 7.17
CA ALA B 80 -6.95 10.34 6.98
C ALA B 80 -7.58 11.21 8.07
N ILE B 81 -8.76 11.74 7.75
CA ILE B 81 -9.64 12.53 8.61
C ILE B 81 -11.07 12.14 8.28
N SER B 82 -11.90 12.07 9.32
CA SER B 82 -13.32 11.79 9.22
C SER B 82 -14.04 13.14 9.11
N MET B 83 -15.06 13.19 8.26
CA MET B 83 -15.89 14.37 8.02
C MET B 83 -17.34 13.89 7.93
N LEU B 84 -18.28 14.78 8.26
CA LEU B 84 -19.71 14.55 8.20
C LEU B 84 -20.35 15.32 7.04
N TYR B 85 -21.39 14.73 6.46
CA TYR B 85 -22.15 15.30 5.36
C TYR B 85 -23.59 14.83 5.42
N LEU B 86 -24.46 15.51 4.67
CA LEU B 86 -25.88 15.24 4.58
C LEU B 86 -26.18 14.52 3.27
N ASP B 87 -26.75 13.31 3.39
CA ASP B 87 -27.15 12.52 2.22
C ASP B 87 -28.42 13.19 1.67
N GLU B 88 -28.95 12.70 0.51
CA GLU B 88 -30.22 13.14 -0.08
C GLU B 88 -31.45 13.35 0.81
N ASN B 89 -31.69 12.45 1.79
CA ASN B 89 -32.81 12.57 2.74
C ASN B 89 -32.52 13.23 4.10
N GLU B 90 -31.50 14.15 4.14
CA GLU B 90 -31.06 14.89 5.34
C GLU B 90 -30.46 14.03 6.49
N LYS B 91 -30.09 12.76 6.21
CA LYS B 91 -29.38 11.89 7.16
C LYS B 91 -27.90 12.23 7.18
N VAL B 92 -27.33 12.38 8.38
CA VAL B 92 -25.92 12.65 8.62
C VAL B 92 -25.13 11.36 8.34
N VAL B 93 -24.06 11.49 7.54
CA VAL B 93 -23.18 10.38 7.19
C VAL B 93 -21.75 10.75 7.67
N LEU B 94 -20.99 9.76 8.21
CA LEU B 94 -19.60 9.91 8.63
C LEU B 94 -18.76 9.13 7.60
N LYS B 95 -17.88 9.83 6.88
CA LYS B 95 -17.01 9.20 5.92
C LYS B 95 -15.55 9.55 6.21
N ASN B 96 -14.70 8.53 6.13
CA ASN B 96 -13.26 8.65 6.31
C ASN B 96 -12.66 9.09 5.00
N TYR B 97 -11.94 10.21 5.04
CA TYR B 97 -11.32 10.79 3.86
C TYR B 97 -9.84 10.48 3.86
N GLN B 98 -9.43 9.63 2.93
CA GLN B 98 -8.05 9.19 2.78
C GLN B 98 -7.15 10.32 2.25
N ASP B 99 -5.89 10.34 2.71
CA ASP B 99 -4.82 11.25 2.29
C ASP B 99 -5.17 12.75 2.42
N MET B 100 -5.59 13.16 3.62
CA MET B 100 -6.01 14.53 3.85
C MET B 100 -4.95 15.39 4.54
N VAL B 101 -4.17 14.81 5.49
CA VAL B 101 -3.15 15.52 6.28
C VAL B 101 -1.75 15.05 5.90
N VAL B 102 -0.81 16.02 5.71
CA VAL B 102 0.61 15.72 5.42
C VAL B 102 1.30 15.30 6.75
N GLU B 103 1.98 14.15 6.72
CA GLU B 103 2.73 13.64 7.89
C GLU B 103 4.23 13.87 7.71
N GLY B 104 4.69 13.70 6.47
CA GLY B 104 6.07 13.89 6.08
C GLY B 104 6.19 14.28 4.63
N CYS B 105 7.15 15.17 4.36
CA CYS B 105 7.49 15.68 3.05
C CYS B 105 8.72 14.94 2.55
N GLY B 106 9.01 15.13 1.27
CA GLY B 106 10.13 14.51 0.59
C GLY B 106 10.29 15.10 -0.79
N CYS B 107 11.46 14.85 -1.42
CA CYS B 107 11.83 15.32 -2.75
C CYS B 107 11.59 14.25 -3.81
N ARG B 108 10.64 14.46 -4.75
CA ARG B 108 10.33 13.46 -5.81
C ARG B 108 10.37 13.94 -7.30
N ARG C 1 1.06 -41.70 12.07
CA ARG C 1 1.58 -40.37 12.34
C ARG C 1 0.53 -39.29 12.11
N LYS C 2 -0.04 -38.76 13.23
CA LYS C 2 -1.08 -37.72 13.26
C LYS C 2 -0.47 -36.35 13.60
N ARG C 3 -0.82 -35.29 12.82
CA ARG C 3 -0.33 -33.92 13.06
C ARG C 3 -0.87 -33.36 14.37
N LEU C 4 0.04 -32.91 15.25
CA LEU C 4 -0.34 -32.40 16.57
C LEU C 4 -0.97 -31.00 16.49
N LYS C 5 -2.06 -30.81 17.24
CA LYS C 5 -2.78 -29.55 17.28
C LYS C 5 -1.97 -28.43 17.94
N SER C 6 -2.01 -27.25 17.31
CA SER C 6 -1.41 -26.02 17.76
C SER C 6 -2.30 -24.86 17.32
N SER C 7 -2.00 -23.67 17.84
CA SER C 7 -2.68 -22.43 17.49
C SER C 7 -1.97 -21.93 16.23
N CYS C 8 -2.49 -20.86 15.61
CA CYS C 8 -1.89 -20.24 14.43
C CYS C 8 -0.43 -19.86 14.71
N LYS C 9 0.51 -20.48 13.95
CA LYS C 9 1.95 -20.21 14.07
C LYS C 9 2.73 -20.50 12.79
N ARG C 10 3.95 -19.95 12.71
CA ARG C 10 4.83 -20.12 11.57
C ARG C 10 5.57 -21.44 11.65
N HIS C 11 5.61 -22.14 10.53
CA HIS C 11 6.26 -23.44 10.37
C HIS C 11 7.34 -23.34 9.28
N PRO C 12 8.42 -24.14 9.32
CA PRO C 12 9.42 -24.01 8.24
C PRO C 12 8.97 -24.70 6.95
N LEU C 13 9.45 -24.18 5.84
CA LEU C 13 9.22 -24.73 4.51
C LEU C 13 10.44 -24.24 3.71
N TYR C 14 11.18 -25.17 3.14
CA TYR C 14 12.18 -24.80 2.15
C TYR C 14 11.56 -25.09 0.79
N VAL C 15 11.60 -24.12 -0.13
CA VAL C 15 11.08 -24.29 -1.49
C VAL C 15 12.27 -24.50 -2.40
N ASP C 16 12.29 -25.62 -3.16
CA ASP C 16 13.32 -25.92 -4.16
C ASP C 16 12.66 -25.68 -5.50
N PHE C 17 13.25 -24.81 -6.35
CA PHE C 17 12.64 -24.50 -7.64
C PHE C 17 12.50 -25.63 -8.64
N SER C 18 13.48 -26.57 -8.67
CA SER C 18 13.48 -27.74 -9.55
C SER C 18 12.24 -28.61 -9.32
N ASP C 19 11.96 -28.98 -8.04
CA ASP C 19 10.82 -29.78 -7.60
C ASP C 19 9.51 -29.07 -7.94
N VAL C 20 9.55 -27.75 -7.91
CA VAL C 20 8.38 -26.91 -8.16
C VAL C 20 8.07 -26.73 -9.65
N GLY C 21 9.12 -26.78 -10.49
CA GLY C 21 9.05 -26.67 -11.94
C GLY C 21 9.43 -25.31 -12.48
N TRP C 22 10.10 -24.47 -11.66
CA TRP C 22 10.49 -23.09 -12.00
C TRP C 22 11.97 -22.86 -12.31
N ASN C 23 12.78 -23.93 -12.37
CA ASN C 23 14.21 -23.93 -12.65
C ASN C 23 14.62 -23.18 -13.94
N ASP C 24 13.82 -23.32 -15.03
CA ASP C 24 14.09 -22.68 -16.32
C ASP C 24 14.01 -21.15 -16.26
N TRP C 25 13.08 -20.62 -15.48
CA TRP C 25 12.88 -19.18 -15.35
C TRP C 25 13.64 -18.62 -14.18
N ILE C 26 13.64 -19.35 -13.05
CA ILE C 26 14.38 -18.92 -11.86
C ILE C 26 15.72 -19.68 -11.80
N VAL C 27 16.74 -19.04 -12.41
CA VAL C 27 18.11 -19.52 -12.51
C VAL C 27 18.88 -19.41 -11.19
N ALA C 28 18.54 -18.44 -10.32
CA ALA C 28 19.17 -18.28 -9.01
C ALA C 28 18.18 -17.65 -8.05
N PRO C 29 18.11 -18.10 -6.77
CA PRO C 29 18.83 -19.23 -6.16
C PRO C 29 18.20 -20.58 -6.57
N PRO C 30 18.75 -21.75 -6.16
CA PRO C 30 18.08 -23.03 -6.48
C PRO C 30 16.72 -23.22 -5.77
N GLY C 31 16.47 -22.38 -4.77
CA GLY C 31 15.30 -22.43 -3.92
C GLY C 31 15.51 -21.53 -2.74
N TYR C 32 14.51 -21.39 -1.86
CA TYR C 32 14.60 -20.47 -0.72
C TYR C 32 13.76 -20.88 0.46
N HIS C 33 14.05 -20.26 1.63
CA HIS C 33 13.30 -20.51 2.86
C HIS C 33 12.06 -19.66 2.98
N ALA C 34 10.95 -20.16 2.37
CA ALA C 34 9.63 -19.53 2.45
C ALA C 34 9.07 -20.10 3.73
N PHE C 35 8.17 -19.44 4.44
CA PHE C 35 7.75 -20.33 5.55
C PHE C 35 6.27 -20.15 5.39
N TYR C 36 5.45 -20.84 6.17
CA TYR C 36 4.01 -21.06 6.00
C TYR C 36 3.34 -20.97 7.34
N CYS C 37 2.07 -20.57 7.29
CA CYS C 37 1.21 -20.40 8.45
C CYS C 37 0.26 -21.55 8.56
N HIS C 38 0.14 -22.06 9.78
CA HIS C 38 -0.71 -23.18 10.11
C HIS C 38 -1.15 -23.09 11.55
N GLY C 39 -2.35 -23.58 11.82
CA GLY C 39 -2.93 -23.59 13.14
C GLY C 39 -4.37 -23.20 13.15
N GLU C 40 -5.01 -23.41 14.29
CA GLU C 40 -6.40 -23.11 14.54
C GLU C 40 -6.49 -21.67 15.04
N CYS C 41 -7.61 -21.00 14.69
CA CYS C 41 -7.95 -19.65 15.11
C CYS C 41 -9.17 -19.78 16.04
N PRO C 42 -8.93 -20.12 17.33
CA PRO C 42 -10.05 -20.39 18.24
C PRO C 42 -10.66 -19.16 18.87
N PHE C 43 -11.80 -19.37 19.49
CA PHE C 43 -12.47 -18.34 20.20
C PHE C 43 -12.04 -18.47 21.63
N PRO C 44 -11.59 -17.38 22.28
CA PRO C 44 -11.35 -16.04 21.72
C PRO C 44 -9.93 -15.95 21.17
N LEU C 45 -9.68 -15.05 20.21
CA LEU C 45 -8.32 -14.91 19.66
C LEU C 45 -7.44 -14.05 20.58
N ALA C 46 -6.24 -14.55 20.91
CA ALA C 46 -5.25 -13.83 21.73
C ALA C 46 -4.65 -12.65 20.94
N ASP C 47 -4.11 -11.63 21.65
CA ASP C 47 -3.47 -10.46 21.01
C ASP C 47 -2.19 -10.83 20.27
N HIS C 48 -1.57 -11.97 20.66
CA HIS C 48 -0.36 -12.53 20.06
C HIS C 48 -0.62 -13.04 18.63
N LEU C 49 -1.90 -13.26 18.30
CA LEU C 49 -2.43 -13.80 17.04
C LEU C 49 -2.51 -12.85 15.85
N ASN C 50 -2.00 -11.60 16.00
CA ASN C 50 -2.00 -10.53 14.96
C ASN C 50 -3.32 -10.17 14.21
N SER C 51 -4.47 -10.27 14.88
CA SER C 51 -5.80 -10.26 14.27
C SER C 51 -6.37 -8.91 13.83
N THR C 52 -7.53 -8.97 13.17
CA THR C 52 -8.23 -7.81 12.67
C THR C 52 -9.55 -7.63 13.46
N ASN C 53 -10.19 -6.44 13.40
CA ASN C 53 -11.47 -6.26 14.08
C ASN C 53 -12.50 -7.18 13.44
N HIS C 54 -12.43 -7.34 12.08
CA HIS C 54 -13.28 -8.26 11.35
C HIS C 54 -13.12 -9.73 11.81
N ALA C 55 -11.88 -10.21 12.03
CA ALA C 55 -11.62 -11.59 12.48
C ALA C 55 -12.22 -11.85 13.84
N ILE C 56 -12.01 -10.91 14.80
CA ILE C 56 -12.64 -10.94 16.13
C ILE C 56 -14.18 -11.08 15.97
N VAL C 57 -14.77 -10.27 15.07
CA VAL C 57 -16.21 -10.27 14.78
C VAL C 57 -16.65 -11.63 14.24
N GLN C 58 -15.99 -12.14 13.19
CA GLN C 58 -16.28 -13.45 12.59
C GLN C 58 -16.08 -14.65 13.56
N THR C 59 -15.08 -14.56 14.45
CA THR C 59 -14.79 -15.63 15.40
C THR C 59 -15.96 -15.79 16.36
N LEU C 60 -16.51 -14.65 16.75
CA LEU C 60 -17.65 -14.54 17.63
C LEU C 60 -18.95 -15.02 16.90
N VAL C 61 -19.03 -14.82 15.59
CA VAL C 61 -20.17 -15.31 14.84
C VAL C 61 -20.05 -16.84 14.72
N ASN C 62 -18.86 -17.37 14.44
CA ASN C 62 -18.67 -18.83 14.41
C ASN C 62 -18.99 -19.46 15.77
N SER C 63 -18.66 -18.75 16.89
CA SER C 63 -18.87 -19.18 18.26
C SER C 63 -20.37 -19.42 18.58
N VAL C 64 -21.25 -18.55 18.07
CA VAL C 64 -22.70 -18.59 18.21
C VAL C 64 -23.38 -19.35 17.03
N ASN C 65 -22.76 -19.42 15.84
CA ASN C 65 -23.29 -20.07 14.64
C ASN C 65 -22.16 -20.74 13.88
N SER C 66 -22.20 -22.07 13.84
CA SER C 66 -21.17 -22.85 13.17
C SER C 66 -21.15 -22.83 11.64
N LYS C 67 -22.27 -22.40 10.99
CA LYS C 67 -22.32 -22.33 9.51
C LYS C 67 -21.38 -21.27 8.94
N ILE C 68 -20.93 -20.32 9.77
CA ILE C 68 -19.94 -19.31 9.40
C ILE C 68 -18.56 -19.85 9.81
N PRO C 69 -17.59 -19.89 8.86
CA PRO C 69 -16.25 -20.41 9.19
C PRO C 69 -15.46 -19.50 10.10
N LYS C 70 -14.46 -20.09 10.81
CA LYS C 70 -13.58 -19.32 11.68
C LYS C 70 -12.59 -18.55 10.77
N ALA C 71 -11.86 -17.57 11.36
CA ALA C 71 -10.80 -16.79 10.70
C ALA C 71 -9.66 -17.78 10.35
N CYS C 72 -8.83 -17.39 9.38
CA CYS C 72 -7.79 -18.26 8.86
C CYS C 72 -6.43 -17.87 9.29
N CYS C 73 -5.56 -18.86 9.46
CA CYS C 73 -4.19 -18.60 9.85
C CYS C 73 -3.41 -18.32 8.58
N VAL C 74 -2.99 -17.06 8.39
CA VAL C 74 -2.34 -16.60 7.16
C VAL C 74 -1.13 -15.67 7.47
N PRO C 75 -0.20 -15.43 6.49
CA PRO C 75 0.91 -14.49 6.75
C PRO C 75 0.33 -13.09 6.93
N THR C 76 0.90 -12.30 7.85
CA THR C 76 0.45 -10.93 8.12
C THR C 76 1.54 -9.95 7.81
N GLU C 77 2.81 -10.40 7.95
CA GLU C 77 4.02 -9.65 7.63
C GLU C 77 4.90 -10.55 6.76
N LEU C 78 5.37 -9.99 5.63
CA LEU C 78 6.21 -10.71 4.69
C LEU C 78 7.48 -9.93 4.42
N SER C 79 8.53 -10.64 3.96
CA SER C 79 9.77 -10.01 3.54
C SER C 79 10.12 -10.43 2.12
N ALA C 80 10.92 -9.59 1.46
CA ALA C 80 11.37 -9.77 0.08
C ALA C 80 12.64 -10.62 -0.05
N ILE C 81 12.92 -11.11 -1.27
CA ILE C 81 14.13 -11.83 -1.69
C ILE C 81 14.52 -11.44 -3.12
N SER C 82 15.83 -11.45 -3.42
CA SER C 82 16.32 -11.12 -4.76
C SER C 82 16.35 -12.39 -5.56
N MET C 83 16.04 -12.30 -6.87
CA MET C 83 16.08 -13.43 -7.80
C MET C 83 16.61 -13.07 -9.18
N LEU C 84 17.36 -14.01 -9.76
CA LEU C 84 17.87 -13.91 -11.12
C LEU C 84 16.88 -14.64 -12.00
N TYR C 85 16.43 -13.97 -13.05
CA TYR C 85 15.39 -14.50 -13.90
C TYR C 85 15.69 -14.23 -15.36
N LEU C 86 15.64 -15.29 -16.21
CA LEU C 86 15.81 -15.07 -17.65
C LEU C 86 14.43 -14.77 -18.23
N ASP C 87 14.33 -13.78 -19.12
CA ASP C 87 13.04 -13.42 -19.74
C ASP C 87 12.89 -14.05 -21.12
N GLU C 88 11.73 -13.81 -21.78
CA GLU C 88 11.30 -14.25 -23.10
C GLU C 88 12.39 -14.18 -24.17
N ASN C 89 13.28 -13.18 -24.06
CA ASN C 89 14.34 -12.94 -25.02
C ASN C 89 15.75 -13.30 -24.49
N GLU C 90 15.80 -14.06 -23.36
CA GLU C 90 17.01 -14.54 -22.68
C GLU C 90 17.89 -13.45 -22.02
N LYS C 91 17.23 -12.53 -21.29
CA LYS C 91 17.90 -11.42 -20.61
C LYS C 91 17.89 -11.69 -19.11
N VAL C 92 19.06 -11.76 -18.50
CA VAL C 92 19.20 -12.02 -17.07
C VAL C 92 18.86 -10.79 -16.29
N VAL C 93 17.79 -10.87 -15.46
CA VAL C 93 17.29 -9.76 -14.65
C VAL C 93 17.28 -10.08 -13.19
N LEU C 94 17.92 -9.22 -12.40
CA LEU C 94 17.90 -9.28 -10.95
C LEU C 94 16.63 -8.53 -10.60
N LYS C 95 15.70 -9.18 -9.89
CA LYS C 95 14.45 -8.56 -9.46
C LYS C 95 14.28 -8.80 -7.97
N ASN C 96 13.77 -7.78 -7.24
CA ASN C 96 13.49 -7.82 -5.81
C ASN C 96 12.02 -8.25 -5.63
N TYR C 97 11.81 -9.55 -5.51
CA TYR C 97 10.49 -10.17 -5.38
C TYR C 97 9.80 -9.91 -4.04
N GLN C 98 8.67 -9.21 -4.07
CA GLN C 98 7.87 -8.84 -2.90
C GLN C 98 7.02 -10.02 -2.32
N ASP C 99 6.68 -9.93 -1.01
CA ASP C 99 5.83 -10.87 -0.27
C ASP C 99 6.14 -12.35 -0.55
N MET C 100 7.42 -12.73 -0.41
CA MET C 100 7.96 -14.07 -0.67
C MET C 100 8.23 -14.88 0.58
N VAL C 101 8.63 -14.21 1.66
CA VAL C 101 9.01 -14.87 2.93
C VAL C 101 8.08 -14.39 4.04
N VAL C 102 7.59 -15.33 4.85
CA VAL C 102 6.71 -15.11 6.00
C VAL C 102 7.53 -14.67 7.20
N GLU C 103 7.16 -13.52 7.77
CA GLU C 103 7.80 -12.97 8.97
C GLU C 103 6.90 -13.17 10.18
N GLY C 104 5.59 -13.04 9.97
CA GLY C 104 4.58 -13.23 11.00
C GLY C 104 3.27 -13.77 10.48
N CYS C 105 2.62 -14.65 11.27
CA CYS C 105 1.29 -15.24 10.99
C CYS C 105 0.22 -14.51 11.84
N GLY C 106 -1.04 -14.70 11.47
CA GLY C 106 -2.17 -14.12 12.18
C GLY C 106 -3.54 -14.54 11.66
N CYS C 107 -4.53 -14.52 12.56
CA CYS C 107 -5.90 -14.88 12.22
C CYS C 107 -6.65 -13.74 11.45
N ARG C 108 -7.26 -14.06 10.28
CA ARG C 108 -7.95 -13.08 9.40
C ARG C 108 -9.30 -13.55 8.81
N LYS D 5 -18.37 -26.03 -2.36
CA LYS D 5 -16.93 -25.88 -2.62
C LYS D 5 -16.61 -25.07 -3.91
N SER D 6 -16.89 -23.76 -3.89
CA SER D 6 -16.61 -22.82 -4.97
C SER D 6 -15.22 -22.19 -4.71
N SER D 7 -14.74 -21.33 -5.65
CA SER D 7 -13.47 -20.63 -5.47
C SER D 7 -13.68 -19.39 -4.57
N CYS D 8 -12.58 -18.85 -4.03
CA CYS D 8 -12.53 -17.72 -3.12
C CYS D 8 -13.26 -16.45 -3.55
N LYS D 9 -14.20 -15.99 -2.69
CA LYS D 9 -15.00 -14.77 -2.86
C LYS D 9 -15.71 -14.34 -1.59
N ARG D 10 -16.24 -13.11 -1.60
CA ARG D 10 -16.97 -12.45 -0.52
C ARG D 10 -18.39 -12.99 -0.46
N HIS D 11 -18.84 -13.33 0.75
CA HIS D 11 -20.18 -13.85 1.01
C HIS D 11 -20.98 -12.91 1.92
N PRO D 12 -22.31 -12.79 1.73
CA PRO D 12 -23.10 -11.93 2.64
C PRO D 12 -23.06 -12.40 4.09
N LEU D 13 -23.05 -11.44 5.04
CA LEU D 13 -23.13 -11.69 6.50
C LEU D 13 -23.68 -10.44 7.18
N TYR D 14 -24.76 -10.60 7.94
CA TYR D 14 -25.29 -9.55 8.80
C TYR D 14 -25.03 -10.02 10.22
N VAL D 15 -24.19 -9.29 10.92
CA VAL D 15 -23.87 -9.59 12.28
C VAL D 15 -24.90 -8.82 13.10
N ASP D 16 -25.64 -9.52 13.98
CA ASP D 16 -26.60 -8.89 14.86
C ASP D 16 -25.94 -8.79 16.27
N PHE D 17 -25.94 -7.57 16.86
CA PHE D 17 -25.28 -7.29 18.13
C PHE D 17 -25.83 -7.95 19.35
N SER D 18 -27.16 -8.12 19.42
CA SER D 18 -27.78 -8.81 20.55
C SER D 18 -27.37 -10.27 20.45
N ASP D 19 -27.48 -10.89 19.23
CA ASP D 19 -27.04 -12.26 18.92
C ASP D 19 -25.64 -12.61 19.48
N VAL D 20 -24.72 -11.63 19.42
CA VAL D 20 -23.36 -11.80 19.91
C VAL D 20 -23.11 -11.28 21.35
N GLY D 21 -24.08 -10.54 21.89
CA GLY D 21 -23.97 -10.02 23.24
C GLY D 21 -23.10 -8.79 23.34
N TRP D 22 -23.26 -7.87 22.38
CA TRP D 22 -22.54 -6.61 22.32
C TRP D 22 -23.47 -5.41 22.47
N ASN D 23 -24.80 -5.65 22.44
CA ASN D 23 -25.84 -4.61 22.57
C ASN D 23 -25.85 -3.96 23.97
N ASP D 24 -24.94 -4.42 24.86
CA ASP D 24 -24.72 -3.90 26.21
C ASP D 24 -23.90 -2.62 26.11
N TRP D 25 -22.89 -2.59 25.18
CA TRP D 25 -22.01 -1.44 24.94
C TRP D 25 -22.38 -0.68 23.67
N ILE D 26 -22.73 -1.39 22.58
CA ILE D 26 -23.13 -0.77 21.31
C ILE D 26 -24.59 -0.25 21.39
N VAL D 27 -24.76 1.07 21.40
CA VAL D 27 -26.06 1.71 21.43
C VAL D 27 -26.72 1.57 20.05
N ALA D 28 -26.00 1.93 18.96
CA ALA D 28 -26.44 1.85 17.56
C ALA D 28 -25.24 1.59 16.68
N PRO D 29 -25.37 0.95 15.49
CA PRO D 29 -26.59 0.39 14.87
C PRO D 29 -27.03 -0.91 15.57
N PRO D 30 -28.23 -1.46 15.28
CA PRO D 30 -28.62 -2.73 15.93
C PRO D 30 -27.70 -3.89 15.45
N GLY D 31 -27.13 -3.70 14.27
CA GLY D 31 -26.20 -4.64 13.66
C GLY D 31 -25.66 -4.10 12.37
N TYR D 32 -24.83 -4.89 11.69
CA TYR D 32 -24.23 -4.42 10.42
C TYR D 32 -23.84 -5.53 9.49
N HIS D 33 -23.73 -5.18 8.20
CA HIS D 33 -23.26 -6.08 7.14
C HIS D 33 -21.72 -6.14 7.18
N ALA D 34 -21.20 -7.16 7.86
CA ALA D 34 -19.79 -7.52 7.94
C ALA D 34 -19.78 -8.68 6.99
N PHE D 35 -19.06 -8.66 5.88
CA PHE D 35 -19.20 -9.82 5.01
C PHE D 35 -18.02 -10.78 5.30
N TYR D 36 -17.95 -11.95 4.67
CA TYR D 36 -16.95 -12.98 4.97
C TYR D 36 -16.42 -13.56 3.70
N CYS D 37 -15.17 -14.05 3.75
CA CYS D 37 -14.48 -14.62 2.61
C CYS D 37 -14.44 -16.10 2.76
N HIS D 38 -14.73 -16.82 1.68
CA HIS D 38 -14.70 -18.29 1.69
C HIS D 38 -14.49 -18.86 0.31
N GLY D 39 -13.84 -20.04 0.25
CA GLY D 39 -13.56 -20.76 -0.98
C GLY D 39 -12.13 -21.18 -1.19
N GLU D 40 -11.94 -22.09 -2.16
CA GLU D 40 -10.65 -22.68 -2.54
C GLU D 40 -9.80 -21.72 -3.35
N CYS D 41 -8.47 -21.79 -3.17
CA CYS D 41 -7.48 -20.97 -3.89
C CYS D 41 -6.79 -21.87 -4.91
N PRO D 42 -7.24 -21.84 -6.17
CA PRO D 42 -6.69 -22.78 -7.16
C PRO D 42 -5.37 -22.34 -7.77
N PHE D 43 -4.76 -23.23 -8.55
CA PHE D 43 -3.51 -22.93 -9.25
C PHE D 43 -3.75 -23.05 -10.74
N PRO D 44 -3.37 -22.02 -11.55
CA PRO D 44 -2.70 -20.78 -11.16
C PRO D 44 -3.65 -19.77 -10.54
N LEU D 45 -3.10 -18.84 -9.74
CA LEU D 45 -3.91 -17.80 -9.11
C LEU D 45 -4.14 -16.62 -10.08
N ALA D 46 -5.42 -16.28 -10.30
CA ALA D 46 -5.85 -15.17 -11.17
C ALA D 46 -5.50 -13.82 -10.54
N ASP D 47 -5.45 -12.75 -11.35
CA ASP D 47 -5.15 -11.40 -10.85
C ASP D 47 -6.24 -10.90 -9.90
N HIS D 48 -7.53 -11.15 -10.25
CA HIS D 48 -8.74 -10.81 -9.46
C HIS D 48 -8.70 -11.41 -8.07
N LEU D 49 -8.03 -12.57 -7.90
CA LEU D 49 -7.93 -13.28 -6.63
C LEU D 49 -7.05 -12.61 -5.55
N ASN D 50 -6.50 -11.41 -5.86
CA ASN D 50 -5.67 -10.54 -5.00
C ASN D 50 -4.53 -11.11 -4.20
N SER D 51 -3.89 -12.15 -4.73
CA SER D 51 -2.90 -12.98 -4.03
C SER D 51 -1.51 -12.35 -3.93
N THR D 52 -0.66 -12.90 -3.04
CA THR D 52 0.72 -12.49 -2.87
C THR D 52 1.57 -13.52 -3.62
N ASN D 53 2.88 -13.27 -3.75
CA ASN D 53 3.82 -14.17 -4.39
C ASN D 53 3.96 -15.42 -3.53
N HIS D 54 3.93 -15.24 -2.18
CA HIS D 54 4.02 -16.36 -1.25
C HIS D 54 2.86 -17.32 -1.46
N ALA D 55 1.66 -16.77 -1.64
CA ALA D 55 0.42 -17.53 -1.84
C ALA D 55 0.53 -18.33 -3.17
N ILE D 56 1.12 -17.71 -4.23
CA ILE D 56 1.36 -18.33 -5.54
C ILE D 56 2.36 -19.48 -5.34
N VAL D 57 3.40 -19.25 -4.51
CA VAL D 57 4.41 -20.25 -4.14
C VAL D 57 3.74 -21.42 -3.41
N GLN D 58 3.10 -21.16 -2.26
CA GLN D 58 2.45 -22.16 -1.43
C GLN D 58 1.39 -23.02 -2.17
N THR D 59 0.60 -22.39 -3.04
CA THR D 59 -0.43 -23.07 -3.83
C THR D 59 0.22 -24.04 -4.82
N LEU D 60 1.42 -23.71 -5.32
CA LEU D 60 2.20 -24.57 -6.22
C LEU D 60 2.87 -25.71 -5.44
N VAL D 61 3.45 -25.42 -4.27
CA VAL D 61 4.10 -26.42 -3.44
C VAL D 61 3.11 -27.53 -3.11
N ASN D 62 1.84 -27.17 -2.78
CA ASN D 62 0.74 -28.09 -2.48
C ASN D 62 0.46 -29.09 -3.61
N SER D 63 0.45 -28.61 -4.89
CA SER D 63 0.22 -29.46 -6.07
C SER D 63 1.31 -30.53 -6.27
N VAL D 64 2.40 -30.42 -5.49
CA VAL D 64 3.57 -31.29 -5.49
C VAL D 64 3.63 -32.06 -4.15
N ASN D 65 3.15 -31.44 -3.04
CA ASN D 65 3.21 -31.95 -1.68
C ASN D 65 1.93 -31.48 -0.94
N SER D 66 0.95 -32.40 -0.80
CA SER D 66 -0.33 -32.19 -0.11
C SER D 66 -0.25 -31.93 1.38
N LYS D 67 0.86 -32.31 2.02
CA LYS D 67 1.09 -32.08 3.44
C LYS D 67 1.26 -30.58 3.72
N ILE D 68 1.45 -29.78 2.66
CA ILE D 68 1.56 -28.31 2.73
C ILE D 68 0.25 -27.72 2.26
N PRO D 69 -0.45 -26.97 3.12
CA PRO D 69 -1.75 -26.41 2.71
C PRO D 69 -1.72 -25.40 1.56
N LYS D 70 -2.87 -25.22 0.89
CA LYS D 70 -3.01 -24.18 -0.14
C LYS D 70 -3.15 -22.83 0.61
N ALA D 71 -3.12 -21.72 -0.15
CA ALA D 71 -3.34 -20.39 0.37
C ALA D 71 -4.80 -20.31 0.83
N CYS D 72 -5.06 -19.47 1.84
CA CYS D 72 -6.39 -19.34 2.40
C CYS D 72 -7.10 -18.08 1.89
N CYS D 73 -8.43 -18.18 1.67
CA CYS D 73 -9.28 -17.07 1.24
C CYS D 73 -9.57 -16.19 2.46
N VAL D 74 -8.99 -14.98 2.44
CA VAL D 74 -9.10 -14.01 3.53
C VAL D 74 -9.44 -12.61 3.03
N PRO D 75 -9.97 -11.71 3.90
CA PRO D 75 -10.21 -10.32 3.44
C PRO D 75 -8.89 -9.62 3.16
N THR D 76 -8.81 -8.92 2.01
CA THR D 76 -7.61 -8.18 1.57
C THR D 76 -7.87 -6.67 1.57
N GLU D 77 -9.15 -6.27 1.69
CA GLU D 77 -9.58 -4.88 1.78
C GLU D 77 -10.74 -4.75 2.77
N LEU D 78 -10.59 -3.83 3.73
CA LEU D 78 -11.59 -3.61 4.77
C LEU D 78 -11.94 -2.14 4.89
N SER D 79 -13.24 -1.85 5.03
CA SER D 79 -13.73 -0.49 5.25
C SER D 79 -14.16 -0.37 6.70
N ALA D 80 -14.34 0.86 7.19
CA ALA D 80 -14.73 1.15 8.57
C ALA D 80 -16.21 1.40 8.73
N ILE D 81 -16.75 1.20 9.93
CA ILE D 81 -18.10 1.61 10.25
C ILE D 81 -18.13 2.38 11.53
N SER D 82 -18.98 3.39 11.58
CA SER D 82 -19.18 4.17 12.80
C SER D 82 -20.35 3.59 13.56
N MET D 83 -20.22 3.59 14.88
CA MET D 83 -21.25 3.15 15.81
C MET D 83 -21.31 4.03 17.02
N LEU D 84 -22.42 3.91 17.77
CA LEU D 84 -22.66 4.65 19.00
C LEU D 84 -22.45 3.69 20.13
N TYR D 85 -21.58 4.06 21.06
CA TYR D 85 -21.30 3.21 22.20
C TYR D 85 -21.61 3.92 23.53
N LEU D 86 -21.84 3.13 24.58
CA LEU D 86 -22.14 3.61 25.94
C LEU D 86 -20.81 3.56 26.72
N ASP D 87 -20.49 4.61 27.50
CA ASP D 87 -19.20 4.68 28.21
C ASP D 87 -19.29 4.83 29.74
N GLU D 88 -18.10 5.04 30.36
CA GLU D 88 -17.82 5.23 31.80
C GLU D 88 -18.83 6.15 32.51
N ASN D 89 -19.45 7.11 31.79
CA ASN D 89 -20.35 8.11 32.37
C ASN D 89 -21.80 8.07 31.86
N GLU D 90 -22.25 6.92 31.28
CA GLU D 90 -23.60 6.69 30.71
C GLU D 90 -23.89 7.62 29.48
N LYS D 91 -22.82 8.08 28.79
CA LYS D 91 -22.95 8.96 27.62
C LYS D 91 -22.90 8.13 26.36
N VAL D 92 -23.57 8.61 25.29
CA VAL D 92 -23.59 7.97 23.98
C VAL D 92 -22.54 8.72 23.14
N VAL D 93 -21.46 8.02 22.74
CA VAL D 93 -20.32 8.55 21.99
C VAL D 93 -20.25 7.95 20.59
N LEU D 94 -19.99 8.79 19.58
CA LEU D 94 -19.80 8.38 18.20
C LEU D 94 -18.32 8.13 18.01
N LYS D 95 -18.00 6.98 17.46
CA LYS D 95 -16.65 6.51 17.21
C LYS D 95 -16.63 5.68 15.93
N ASN D 96 -15.56 5.85 15.16
CA ASN D 96 -15.28 5.14 13.93
C ASN D 96 -14.51 3.87 14.24
N TYR D 97 -14.97 2.75 13.71
CA TYR D 97 -14.32 1.46 13.93
C TYR D 97 -13.73 0.92 12.64
N GLN D 98 -12.41 0.95 12.51
CA GLN D 98 -11.70 0.46 11.33
C GLN D 98 -11.74 -1.06 11.18
N ASP D 99 -11.55 -1.57 9.96
CA ASP D 99 -11.46 -3.00 9.56
C ASP D 99 -12.65 -3.83 10.00
N MET D 100 -13.85 -3.38 9.67
CA MET D 100 -15.05 -4.09 10.11
C MET D 100 -15.76 -4.75 8.96
N VAL D 101 -15.64 -4.16 7.75
CA VAL D 101 -16.33 -4.56 6.53
C VAL D 101 -15.39 -5.00 5.41
N VAL D 102 -15.64 -6.21 4.89
CA VAL D 102 -14.91 -6.81 3.80
C VAL D 102 -15.32 -6.10 2.51
N GLU D 103 -14.30 -5.64 1.75
CA GLU D 103 -14.45 -5.00 0.45
C GLU D 103 -13.99 -5.97 -0.62
N GLY D 104 -12.84 -6.60 -0.36
CA GLY D 104 -12.27 -7.58 -1.26
C GLY D 104 -11.69 -8.74 -0.52
N CYS D 105 -11.73 -9.92 -1.14
CA CYS D 105 -11.15 -11.15 -0.61
C CYS D 105 -9.91 -11.42 -1.43
N GLY D 106 -9.15 -12.42 -1.03
CA GLY D 106 -7.94 -12.82 -1.74
C GLY D 106 -7.36 -14.10 -1.19
N CYS D 107 -6.28 -14.56 -1.81
CA CYS D 107 -5.59 -15.79 -1.43
C CYS D 107 -4.28 -15.47 -0.80
N ARG D 108 -4.15 -15.81 0.49
CA ARG D 108 -2.92 -15.46 1.23
C ARG D 108 -2.34 -16.63 2.05
#